data_3NJD
#
_entry.id   3NJD
#
_cell.length_a   171.010
_cell.length_b   171.010
_cell.length_c   171.010
_cell.angle_alpha   90.00
_cell.angle_beta   90.00
_cell.angle_gamma   90.00
#
_symmetry.space_group_name_H-M   'I 2 3'
#
loop_
_entity.id
_entity.type
_entity.pdbx_description
1 polymer 'Enoyl-CoA hydratase'
2 water water
#
_entity_poly.entity_id   1
_entity_poly.type   'polypeptide(L)'
_entity_poly.pdbx_seq_one_letter_code
;MAHHHHHHMGTLEAQTQGPGSMTHAIRPVDFDNLKTMTYEVTDRVARITFNRPEKGNAIVADTPLELSALVERADLDPDV
HVILVSGRGEGFCAGFDLSAYAEGSSSAGGGSPYEGTVLSGKTQALNHLPDEPWDPMVDYQMMSRFVRGFASLMHCDKPT
VVKIHGYCVAGGTDIALHADQVIAAADAKIGYPPMRVWGVPAAGLWAHRLGDQRAKRLLFTGDCITGAQAAEWGLAVEAP
DPADLDARTERLVERIAAMPVNQLIMAKLACNTALLNQGVATSQMVSTVFDGIARHTPEGHAFVATAREHGFREAVRRRD
EPMGDHGRRASDV
;
_entity_poly.pdbx_strand_id   A,B
#
# COMPACT_ATOMS: atom_id res chain seq x y z
N VAL A 29 -1.82 -0.93 17.19
CA VAL A 29 -1.78 0.46 17.78
C VAL A 29 -2.99 0.71 18.68
N ASP A 30 -2.73 1.15 19.91
CA ASP A 30 -3.75 1.56 20.85
C ASP A 30 -3.85 3.08 20.90
N PHE A 31 -4.94 3.64 20.39
CA PHE A 31 -5.08 5.08 20.32
C PHE A 31 -5.05 5.73 21.71
N ASP A 32 -5.30 4.97 22.76
CA ASP A 32 -5.24 5.51 24.12
C ASP A 32 -3.87 5.37 24.76
N ASN A 33 -2.95 4.67 24.10
CA ASN A 33 -1.62 4.48 24.62
C ASN A 33 -0.59 4.58 23.49
N LEU A 34 -0.51 5.74 22.86
CA LEU A 34 0.48 5.98 21.78
C LEU A 34 1.86 6.24 22.40
N LYS A 35 2.90 5.79 21.72
CA LYS A 35 4.27 5.86 22.26
C LYS A 35 5.13 6.93 21.62
N THR A 36 4.80 7.33 20.40
CA THR A 36 5.72 8.19 19.64
C THR A 36 5.11 9.51 19.16
N MET A 37 3.80 9.63 19.22
CA MET A 37 3.12 10.80 18.65
C MET A 37 1.73 10.91 19.26
N THR A 38 1.11 12.08 19.12
CA THR A 38 -0.23 12.35 19.61
C THR A 38 -1.16 12.58 18.45
N TYR A 39 -2.45 12.42 18.71
CA TYR A 39 -3.50 12.65 17.74
C TYR A 39 -4.60 13.49 18.32
N GLU A 40 -4.99 14.55 17.61
CA GLU A 40 -6.02 15.47 18.06
C GLU A 40 -6.74 16.04 16.85
N VAL A 41 -8.07 16.04 16.86
CA VAL A 41 -8.84 16.70 15.81
C VAL A 41 -9.40 18.02 16.35
N THR A 42 -9.09 19.11 15.64
CA THR A 42 -9.57 20.44 15.97
C THR A 42 -10.26 20.95 14.75
N ASP A 43 -11.58 20.98 14.87
CA ASP A 43 -12.46 21.41 13.82
C ASP A 43 -12.35 20.26 12.72
N ARG A 44 -11.67 20.62 11.64
CA ARG A 44 -11.55 19.74 10.46
C ARG A 44 -10.12 19.36 10.23
N VAL A 45 -9.25 19.67 11.18
CA VAL A 45 -7.82 19.41 11.05
C VAL A 45 -7.43 18.26 12.00
N ALA A 46 -6.88 17.18 11.43
CA ALA A 46 -6.30 16.11 12.26
C ALA A 46 -4.81 16.36 12.48
N ARG A 47 -4.43 16.63 13.72
CA ARG A 47 -3.06 16.94 14.08
C ARG A 47 -2.36 15.70 14.59
N ILE A 48 -1.36 15.24 13.83
CA ILE A 48 -0.48 14.13 14.20
C ILE A 48 0.88 14.75 14.56
N THR A 49 1.23 14.72 15.84
CA THR A 49 2.36 15.51 16.32
C THR A 49 3.34 14.61 17.06
N PHE A 50 4.59 14.59 16.60
CA PHE A 50 5.57 13.69 17.17
C PHE A 50 5.84 14.13 18.62
N ASN A 51 6.05 13.14 19.48
CA ASN A 51 6.11 13.36 20.92
C ASN A 51 7.33 12.70 21.58
N ARG A 52 8.46 12.71 20.91
CA ARG A 52 9.74 12.32 21.51
C ARG A 52 10.80 13.43 21.32
N PRO A 53 10.49 14.66 21.77
CA PRO A 53 11.38 15.80 21.50
C PRO A 53 12.76 15.64 22.15
N GLU A 54 12.81 14.96 23.30
CA GLU A 54 14.08 14.68 23.97
CA GLU A 54 14.08 14.65 23.99
C GLU A 54 15.04 13.80 23.13
N LYS A 55 14.48 13.10 22.15
CA LYS A 55 15.26 12.28 21.20
C LYS A 55 15.19 12.82 19.77
N GLY A 56 14.82 14.09 19.61
CA GLY A 56 14.72 14.67 18.27
C GLY A 56 13.62 14.05 17.45
N ASN A 57 12.60 13.52 18.11
CA ASN A 57 11.54 12.77 17.44
C ASN A 57 12.06 11.66 16.54
N ALA A 58 13.13 11.04 16.99
CA ALA A 58 13.77 10.01 16.20
C ALA A 58 12.83 8.85 15.98
N ILE A 59 12.99 8.23 14.82
CA ILE A 59 12.13 7.16 14.34
C ILE A 59 12.51 5.87 15.05
N VAL A 60 11.50 5.20 15.59
CA VAL A 60 11.65 3.88 16.21
C VAL A 60 10.60 2.92 15.62
N ALA A 61 10.63 1.65 16.02
CA ALA A 61 9.78 0.63 15.40
C ALA A 61 8.30 1.04 15.39
N ASP A 62 7.82 1.69 16.45
CA ASP A 62 6.42 2.06 16.53
C ASP A 62 6.03 3.27 15.66
N THR A 63 6.99 4.07 15.20
CA THR A 63 6.70 5.32 14.49
C THR A 63 5.90 5.06 13.21
N PRO A 64 6.35 4.13 12.33
CA PRO A 64 5.55 3.91 11.10
C PRO A 64 4.17 3.31 11.36
N LEU A 65 4.06 2.54 12.43
CA LEU A 65 2.80 1.87 12.77
C LEU A 65 1.80 2.90 13.28
N GLU A 66 2.26 3.76 14.19
CA GLU A 66 1.38 4.81 14.70
C GLU A 66 1.04 5.79 13.57
N LEU A 67 2.02 6.20 12.77
CA LEU A 67 1.72 7.15 11.69
C LEU A 67 0.64 6.62 10.76
N SER A 68 0.81 5.40 10.29
CA SER A 68 -0.14 4.88 9.30
CA SER A 68 -0.12 4.79 9.32
C SER A 68 -1.52 4.63 9.92
N ALA A 69 -1.56 4.19 11.17
CA ALA A 69 -2.83 4.00 11.86
C ALA A 69 -3.59 5.33 12.08
N LEU A 70 -2.86 6.39 12.44
CA LEU A 70 -3.50 7.68 12.67
C LEU A 70 -3.96 8.36 11.36
N VAL A 71 -3.18 8.21 10.31
CA VAL A 71 -3.56 8.68 9.00
C VAL A 71 -4.86 8.00 8.54
N GLU A 72 -4.95 6.68 8.70
CA GLU A 72 -6.15 5.93 8.38
C GLU A 72 -7.35 6.40 9.21
N ARG A 73 -7.14 6.62 10.49
CA ARG A 73 -8.20 7.13 11.36
C ARG A 73 -8.72 8.46 10.85
N ALA A 74 -7.81 9.34 10.47
CA ALA A 74 -8.19 10.63 9.91
C ALA A 74 -8.95 10.50 8.59
N ASP A 75 -8.45 9.64 7.70
CA ASP A 75 -9.11 9.39 6.41
C ASP A 75 -10.58 8.96 6.62
N LEU A 76 -10.83 8.13 7.63
CA LEU A 76 -12.15 7.56 7.84
C LEU A 76 -13.12 8.46 8.62
N ASP A 77 -12.63 9.54 9.21
CA ASP A 77 -13.43 10.44 10.00
C ASP A 77 -14.02 11.54 9.09
N PRO A 78 -15.34 11.56 8.92
CA PRO A 78 -15.92 12.52 7.99
C PRO A 78 -15.81 13.97 8.45
N ASP A 79 -15.47 14.19 9.72
CA ASP A 79 -15.27 15.54 10.19
C ASP A 79 -13.86 16.06 9.95
N VAL A 80 -12.97 15.20 9.40
CA VAL A 80 -11.59 15.59 9.10
C VAL A 80 -11.43 15.85 7.61
N HIS A 81 -10.85 17.00 7.26
CA HIS A 81 -10.59 17.37 5.87
C HIS A 81 -9.10 17.40 5.51
N VAL A 82 -8.24 17.55 6.50
CA VAL A 82 -6.80 17.73 6.28
C VAL A 82 -6.02 17.19 7.51
N ILE A 83 -4.85 16.62 7.21
CA ILE A 83 -3.96 16.05 8.19
C ILE A 83 -2.72 16.93 8.26
N LEU A 84 -2.38 17.36 9.48
CA LEU A 84 -1.22 18.21 9.72
C LEU A 84 -0.23 17.43 10.61
N VAL A 85 0.96 17.19 10.06
CA VAL A 85 1.99 16.45 10.73
C VAL A 85 3.10 17.42 11.12
N SER A 86 3.51 17.35 12.38
CA SER A 86 4.58 18.19 12.91
C SER A 86 5.23 17.50 14.07
N GLY A 87 6.30 18.09 14.55
CA GLY A 87 7.00 17.56 15.74
C GLY A 87 7.17 18.59 16.86
N ARG A 88 7.23 18.07 18.08
CA ARG A 88 7.50 18.87 19.24
C ARG A 88 9.00 19.05 19.37
N GLY A 89 9.39 19.91 20.31
CA GLY A 89 10.80 20.15 20.58
C GLY A 89 11.49 21.08 19.58
N GLU A 90 12.78 20.85 19.35
CA GLU A 90 13.60 21.79 18.56
C GLU A 90 13.51 21.62 17.04
N GLY A 91 12.98 20.49 16.61
CA GLY A 91 12.80 20.25 15.18
C GLY A 91 11.84 19.14 14.88
N PHE A 92 11.55 18.98 13.60
CA PHE A 92 10.58 18.02 13.14
C PHE A 92 11.04 16.59 13.40
N CYS A 93 12.18 16.23 12.84
CA CYS A 93 12.70 14.87 12.95
C CYS A 93 14.18 14.79 12.52
N ALA A 94 15.01 14.20 13.41
CA ALA A 94 16.48 13.99 13.24
C ALA A 94 16.82 12.70 12.51
N GLY A 95 15.84 11.84 12.27
CA GLY A 95 16.08 10.61 11.53
C GLY A 95 15.93 9.36 12.37
N PHE A 96 16.52 8.28 11.92
CA PHE A 96 16.37 7.01 12.63
C PHE A 96 17.10 6.96 13.97
N ASP A 97 16.40 6.43 14.97
CA ASP A 97 16.96 6.16 16.29
C ASP A 97 17.75 4.86 16.23
N PRO A 113 6.72 -9.74 20.53
CA PRO A 113 6.00 -8.86 19.57
C PRO A 113 6.40 -9.18 18.10
N TYR A 114 7.62 -8.80 17.74
CA TYR A 114 8.24 -9.29 16.50
C TYR A 114 9.01 -10.56 16.75
N GLU A 115 8.92 -11.09 17.99
CA GLU A 115 9.57 -12.33 18.33
C GLU A 115 9.15 -13.43 17.38
N GLY A 116 10.09 -14.22 16.90
CA GLY A 116 9.76 -15.31 15.98
C GLY A 116 9.42 -14.85 14.57
N THR A 117 9.55 -13.57 14.29
CA THR A 117 9.39 -13.07 12.92
C THR A 117 10.71 -12.60 12.36
N VAL A 118 10.72 -12.33 11.06
CA VAL A 118 11.90 -11.74 10.43
C VAL A 118 12.30 -10.37 11.00
N LEU A 119 11.35 -9.68 11.60
CA LEU A 119 11.58 -8.37 12.15
C LEU A 119 12.07 -8.41 13.59
N SER A 120 12.25 -9.59 14.14
CA SER A 120 12.72 -9.67 15.54
C SER A 120 14.06 -8.92 15.74
N GLY A 121 14.26 -8.33 16.91
CA GLY A 121 15.52 -7.66 17.23
C GLY A 121 16.69 -8.62 17.09
N LYS A 122 16.50 -9.86 17.47
CA LYS A 122 17.57 -10.85 17.39
C LYS A 122 17.97 -11.11 15.92
N THR A 123 16.96 -11.30 15.06
CA THR A 123 17.19 -11.57 13.62
C THR A 123 17.86 -10.39 12.96
N GLN A 124 17.37 -9.19 13.26
CA GLN A 124 17.90 -7.98 12.64
C GLN A 124 19.31 -7.68 13.14
N ALA A 125 19.55 -7.85 14.44
CA ALA A 125 20.89 -7.66 14.96
C ALA A 125 21.89 -8.66 14.31
N LEU A 126 21.55 -9.94 14.23
CA LEU A 126 22.39 -10.93 13.57
C LEU A 126 22.72 -10.51 12.14
N ASN A 127 21.75 -9.88 11.47
CA ASN A 127 21.94 -9.48 10.08
C ASN A 127 22.79 -8.23 9.92
N HIS A 128 23.22 -7.63 11.02
CA HIS A 128 24.14 -6.50 10.95
C HIS A 128 25.54 -6.85 11.42
N LEU A 129 25.83 -8.13 11.63
CA LEU A 129 27.19 -8.53 11.96
C LEU A 129 28.08 -8.34 10.70
N PRO A 130 29.33 -7.87 10.88
CA PRO A 130 30.18 -7.61 9.71
C PRO A 130 30.90 -8.82 9.14
N ASP A 131 31.26 -9.81 9.97
CA ASP A 131 32.20 -10.82 9.52
C ASP A 131 31.55 -12.15 9.12
N GLU A 132 30.28 -12.08 8.69
CA GLU A 132 29.54 -13.22 8.11
C GLU A 132 28.66 -12.63 6.99
N PRO A 133 28.30 -13.41 5.99
CA PRO A 133 27.39 -12.88 4.96
C PRO A 133 26.06 -12.45 5.53
N TRP A 134 25.62 -11.28 5.12
CA TRP A 134 24.35 -10.72 5.54
C TRP A 134 23.31 -11.03 4.45
N ASP A 135 22.03 -10.83 4.79
CA ASP A 135 20.94 -11.13 3.90
C ASP A 135 20.22 -9.82 3.57
N PRO A 136 20.41 -9.30 2.35
CA PRO A 136 19.74 -8.04 2.04
C PRO A 136 18.22 -8.10 1.99
N MET A 137 17.63 -9.27 1.80
CA MET A 137 16.18 -9.37 1.76
C MET A 137 15.60 -9.40 3.17
N VAL A 138 16.35 -9.97 4.14
CA VAL A 138 15.97 -9.81 5.57
C VAL A 138 15.97 -8.29 5.91
N ASP A 139 16.95 -7.57 5.44
CA ASP A 139 16.99 -6.13 5.67
C ASP A 139 15.83 -5.42 4.96
N TYR A 140 15.59 -5.81 3.69
CA TYR A 140 14.52 -5.19 2.88
C TYR A 140 13.16 -5.37 3.59
N GLN A 141 12.89 -6.56 4.10
CA GLN A 141 11.59 -6.77 4.74
C GLN A 141 11.38 -5.81 5.92
N MET A 142 12.47 -5.51 6.64
CA MET A 142 12.42 -4.54 7.73
C MET A 142 12.30 -3.09 7.20
N MET A 143 13.22 -2.65 6.36
CA MET A 143 13.25 -1.21 6.02
C MET A 143 12.10 -0.81 5.13
N SER A 144 11.65 -1.72 4.27
CA SER A 144 10.51 -1.45 3.42
C SER A 144 9.25 -1.16 4.24
N ARG A 145 9.16 -1.72 5.44
CA ARG A 145 7.97 -1.53 6.27
C ARG A 145 8.02 -0.18 6.99
N PHE A 146 9.20 0.37 7.27
CA PHE A 146 9.26 1.77 7.72
C PHE A 146 8.74 2.66 6.61
N VAL A 147 9.22 2.44 5.39
CA VAL A 147 8.85 3.27 4.26
C VAL A 147 7.34 3.15 3.96
N ARG A 148 6.81 1.94 4.01
CA ARG A 148 5.38 1.67 3.81
C ARG A 148 4.52 2.52 4.77
N GLY A 149 4.91 2.57 6.03
CA GLY A 149 4.23 3.42 7.01
C GLY A 149 4.30 4.89 6.68
N PHE A 150 5.49 5.33 6.33
CA PHE A 150 5.68 6.73 5.98
C PHE A 150 4.89 7.13 4.71
N ALA A 151 4.77 6.19 3.78
CA ALA A 151 4.07 6.42 2.50
C ALA A 151 2.56 6.59 2.63
N SER A 152 2.04 6.30 3.83
CA SER A 152 0.66 6.66 4.18
C SER A 152 0.34 8.10 3.86
N LEU A 153 1.33 9.00 4.01
CA LEU A 153 1.04 10.40 3.75
C LEU A 153 0.80 10.73 2.29
N MET A 154 1.37 9.91 1.41
CA MET A 154 1.23 10.06 -0.02
C MET A 154 -0.03 9.38 -0.53
N HIS A 155 -0.29 8.16 -0.03
CA HIS A 155 -1.33 7.33 -0.58
C HIS A 155 -2.67 7.49 0.09
N CYS A 156 -2.75 8.14 1.24
CA CYS A 156 -4.03 8.31 1.92
C CYS A 156 -4.97 9.18 1.04
N ASP A 157 -6.23 9.13 1.41
CA ASP A 157 -7.26 9.80 0.62
C ASP A 157 -7.21 11.32 0.77
N LYS A 158 -6.92 11.79 1.98
CA LYS A 158 -7.04 13.20 2.28
C LYS A 158 -5.70 13.92 2.17
N PRO A 159 -5.75 15.23 2.01
CA PRO A 159 -4.52 16.01 1.97
C PRO A 159 -3.67 15.94 3.23
N THR A 160 -2.35 15.87 3.03
CA THR A 160 -1.39 15.88 4.11
C THR A 160 -0.41 17.06 3.99
N VAL A 161 -0.21 17.72 5.11
CA VAL A 161 0.68 18.86 5.26
C VAL A 161 1.69 18.49 6.36
N VAL A 162 2.98 18.69 6.07
CA VAL A 162 4.03 18.60 7.04
C VAL A 162 4.60 19.98 7.32
N LYS A 163 4.73 20.33 8.60
CA LYS A 163 5.31 21.60 9.05
C LYS A 163 6.69 21.28 9.60
N ILE A 164 7.73 21.82 8.96
CA ILE A 164 9.11 21.60 9.39
C ILE A 164 9.60 22.88 10.05
N HIS A 165 9.94 22.80 11.33
CA HIS A 165 10.78 23.83 11.99
C HIS A 165 12.09 23.17 12.36
N GLY A 166 13.16 23.97 12.50
CA GLY A 166 14.40 23.50 13.07
C GLY A 166 15.20 22.68 12.08
N TYR A 167 14.84 21.42 11.98
CA TYR A 167 15.54 20.44 11.15
C TYR A 167 14.57 19.36 10.68
N CYS A 168 14.87 18.86 9.48
CA CYS A 168 14.27 17.66 8.97
C CYS A 168 15.35 16.99 8.13
N VAL A 169 16.07 16.06 8.78
CA VAL A 169 17.27 15.47 8.20
C VAL A 169 17.24 13.98 8.24
N ALA A 170 17.93 13.39 7.26
CA ALA A 170 18.15 11.98 7.25
C ALA A 170 16.78 11.26 7.20
N GLY A 171 16.53 10.28 8.04
CA GLY A 171 15.19 9.65 8.07
C GLY A 171 13.97 10.57 8.18
N GLY A 172 14.14 11.74 8.81
CA GLY A 172 13.05 12.71 8.89
C GLY A 172 12.53 13.03 7.50
N THR A 173 13.41 13.09 6.50
CA THR A 173 12.98 13.40 5.12
C THR A 173 12.25 12.22 4.44
N ASP A 174 12.52 10.99 4.87
CA ASP A 174 11.79 9.84 4.39
C ASP A 174 10.31 9.96 4.78
N ILE A 175 10.03 10.64 5.89
CA ILE A 175 8.65 10.91 6.26
C ILE A 175 8.14 12.14 5.48
N ALA A 176 8.85 13.26 5.62
CA ALA A 176 8.34 14.56 5.16
C ALA A 176 8.04 14.62 3.66
N LEU A 177 8.92 14.02 2.86
CA LEU A 177 8.76 14.12 1.41
C LEU A 177 7.56 13.34 0.86
N HIS A 178 6.95 12.47 1.66
CA HIS A 178 5.70 11.83 1.28
C HIS A 178 4.46 12.76 1.40
N ALA A 179 4.57 13.81 2.20
CA ALA A 179 3.41 14.73 2.41
C ALA A 179 3.04 15.46 1.12
N ASP A 180 1.75 15.79 0.98
CA ASP A 180 1.31 16.54 -0.19
C ASP A 180 1.80 17.97 -0.21
N GLN A 181 1.92 18.58 0.98
CA GLN A 181 2.37 19.96 1.14
C GLN A 181 3.42 20.02 2.25
N VAL A 182 4.55 20.67 1.99
CA VAL A 182 5.60 20.88 2.97
C VAL A 182 5.74 22.41 3.18
N ILE A 183 5.63 22.83 4.43
CA ILE A 183 5.79 24.21 4.80
C ILE A 183 6.93 24.23 5.81
N ALA A 184 7.94 25.09 5.57
CA ALA A 184 9.20 25.04 6.35
C ALA A 184 9.62 26.37 6.84
N ALA A 185 10.09 26.46 8.08
CA ALA A 185 10.72 27.68 8.54
C ALA A 185 11.87 28.02 7.61
N ALA A 186 12.04 29.31 7.32
CA ALA A 186 13.09 29.79 6.40
C ALA A 186 14.51 29.34 6.77
N ASP A 187 14.73 29.14 8.07
CA ASP A 187 16.01 28.71 8.63
C ASP A 187 16.11 27.21 9.00
N ALA A 188 15.12 26.39 8.60
CA ALA A 188 15.15 24.97 8.84
C ALA A 188 16.26 24.33 8.04
N LYS A 189 16.82 23.26 8.57
CA LYS A 189 17.90 22.51 7.87
C LYS A 189 17.29 21.24 7.32
N ILE A 190 17.39 21.06 6.00
CA ILE A 190 16.75 19.91 5.31
C ILE A 190 17.71 19.20 4.37
N GLY A 191 17.84 17.88 4.52
CA GLY A 191 18.68 17.09 3.63
C GLY A 191 18.94 15.71 4.17
N TYR A 192 19.86 15.02 3.51
CA TYR A 192 20.16 13.64 3.86
C TYR A 192 21.66 13.43 4.09
N PRO A 193 22.17 13.90 5.22
CA PRO A 193 23.59 13.71 5.49
C PRO A 193 24.13 12.27 5.48
N PRO A 194 23.32 11.23 5.84
CA PRO A 194 23.93 9.89 5.79
C PRO A 194 24.27 9.36 4.39
N MET A 195 23.95 10.08 3.32
CA MET A 195 24.62 9.74 2.07
C MET A 195 26.16 9.68 2.25
N ARG A 196 26.71 10.49 3.17
CA ARG A 196 28.15 10.45 3.43
C ARG A 196 28.61 9.07 3.94
N VAL A 197 27.78 8.47 4.78
CA VAL A 197 27.99 7.13 5.26
C VAL A 197 26.78 6.67 6.06
N TRP A 198 26.45 5.38 5.88
CA TRP A 198 25.45 4.65 6.65
C TRP A 198 23.98 4.83 6.20
N GLY A 199 23.71 5.50 5.09
CA GLY A 199 22.36 5.42 4.51
C GLY A 199 22.27 5.83 3.07
N VAL A 200 21.18 5.44 2.43
CA VAL A 200 20.75 6.00 1.13
C VAL A 200 19.22 6.24 1.33
N PRO A 201 18.67 7.39 0.91
CA PRO A 201 17.29 7.69 1.33
C PRO A 201 16.29 6.62 0.89
N ALA A 202 15.79 5.86 1.85
CA ALA A 202 14.97 4.68 1.55
C ALA A 202 13.66 5.05 0.90
N ALA A 203 13.15 6.25 1.20
CA ALA A 203 11.93 6.69 0.55
C ALA A 203 12.08 6.88 -0.94
N GLY A 204 13.30 7.19 -1.41
CA GLY A 204 13.52 7.31 -2.85
C GLY A 204 12.82 8.47 -3.54
N LEU A 205 12.49 9.52 -2.80
CA LEU A 205 11.66 10.60 -3.31
C LEU A 205 12.43 11.86 -3.78
N TRP A 206 13.74 11.96 -3.57
CA TRP A 206 14.42 13.21 -3.85
C TRP A 206 14.29 13.63 -5.32
N ALA A 207 14.52 12.72 -6.26
CA ALA A 207 14.40 13.08 -7.67
C ALA A 207 12.94 13.48 -8.05
N HIS A 208 11.97 12.81 -7.47
CA HIS A 208 10.57 13.13 -7.71
C HIS A 208 10.18 14.48 -7.17
N ARG A 209 10.75 14.89 -6.06
CA ARG A 209 10.41 16.17 -5.45
C ARG A 209 11.28 17.35 -5.94
N LEU A 210 12.53 17.10 -6.37
CA LEU A 210 13.44 18.19 -6.78
C LEU A 210 13.83 18.21 -8.26
N GLY A 211 13.65 17.09 -8.94
CA GLY A 211 14.21 16.87 -10.29
C GLY A 211 15.65 16.38 -10.17
N ASP A 212 16.19 15.92 -11.30
CA ASP A 212 17.47 15.21 -11.30
C ASP A 212 18.63 16.03 -10.77
N GLN A 213 18.77 17.26 -11.26
CA GLN A 213 19.99 18.03 -10.93
C GLN A 213 20.07 18.39 -9.44
N ARG A 214 18.97 18.88 -8.90
CA ARG A 214 18.97 19.30 -7.49
C ARG A 214 18.97 18.12 -6.58
N ALA A 215 18.35 17.01 -6.95
CA ALA A 215 18.46 15.82 -6.13
C ALA A 215 19.87 15.33 -6.06
N LYS A 216 20.53 15.24 -7.21
CA LYS A 216 21.91 14.79 -7.25
C LYS A 216 22.83 15.75 -6.46
N ARG A 217 22.53 17.05 -6.48
CA ARG A 217 23.35 18.02 -5.78
C ARG A 217 23.40 17.70 -4.29
N LEU A 218 22.28 17.27 -3.76
CA LEU A 218 22.17 16.92 -2.34
C LEU A 218 22.62 15.51 -2.06
N LEU A 219 22.28 14.57 -2.94
CA LEU A 219 22.66 13.16 -2.66
C LEU A 219 24.10 12.81 -2.98
N PHE A 220 24.78 13.64 -3.78
CA PHE A 220 26.17 13.42 -4.07
C PHE A 220 27.07 14.10 -3.02
N THR A 221 26.47 14.79 -2.03
CA THR A 221 27.27 15.50 -1.02
C THR A 221 26.81 15.30 0.43
N GLY A 222 25.57 14.90 0.60
CA GLY A 222 24.93 14.89 1.92
C GLY A 222 24.72 16.29 2.50
N ASP A 223 24.78 17.29 1.62
CA ASP A 223 24.54 18.68 2.02
C ASP A 223 23.06 18.92 2.30
N CYS A 224 22.84 19.90 3.16
CA CYS A 224 21.47 20.34 3.48
C CYS A 224 21.22 21.73 2.94
N ILE A 225 19.96 21.99 2.67
CA ILE A 225 19.47 23.29 2.22
C ILE A 225 18.66 23.91 3.33
N THR A 226 18.49 25.22 3.29
CA THR A 226 17.64 25.92 4.26
C THR A 226 16.19 25.77 3.83
N GLY A 227 15.27 26.06 4.73
CA GLY A 227 13.88 26.13 4.35
C GLY A 227 13.61 27.12 3.21
N ALA A 228 14.28 28.25 3.23
CA ALA A 228 14.12 29.27 2.21
C ALA A 228 14.52 28.68 0.84
N GLN A 229 15.62 27.96 0.80
CA GLN A 229 16.04 27.32 -0.45
C GLN A 229 15.08 26.21 -0.88
N ALA A 230 14.51 25.48 0.10
CA ALA A 230 13.53 24.44 -0.20
C ALA A 230 12.33 25.01 -0.92
N ALA A 231 11.88 26.18 -0.51
CA ALA A 231 10.80 26.87 -1.22
C ALA A 231 11.22 27.29 -2.62
N GLU A 232 12.41 27.86 -2.74
CA GLU A 232 12.96 28.30 -4.06
C GLU A 232 13.01 27.07 -5.02
N TRP A 233 13.42 25.92 -4.48
CA TRP A 233 13.53 24.69 -5.28
C TRP A 233 12.26 23.88 -5.39
N GLY A 234 11.16 24.34 -4.82
CA GLY A 234 9.88 23.68 -4.97
C GLY A 234 9.66 22.47 -4.07
N LEU A 235 10.59 22.22 -3.13
CA LEU A 235 10.47 21.12 -2.14
C LEU A 235 9.42 21.49 -1.11
N ALA A 236 9.35 22.80 -0.80
CA ALA A 236 8.36 23.36 0.10
C ALA A 236 7.50 24.38 -0.64
N VAL A 237 6.22 24.49 -0.26
CA VAL A 237 5.32 25.40 -0.92
CA VAL A 237 5.29 25.41 -0.90
C VAL A 237 5.51 26.85 -0.42
N GLU A 238 6.03 27.02 0.78
CA GLU A 238 6.38 28.33 1.31
C GLU A 238 7.34 28.15 2.50
N ALA A 239 8.06 29.20 2.80
CA ALA A 239 9.11 29.18 3.84
C ALA A 239 9.03 30.47 4.67
N PRO A 240 8.03 30.53 5.57
CA PRO A 240 7.89 31.65 6.47
C PRO A 240 9.10 31.82 7.41
N ASP A 241 9.34 33.05 7.85
CA ASP A 241 10.26 33.28 8.98
CA ASP A 241 10.31 33.24 8.92
C ASP A 241 9.86 32.37 10.10
N PRO A 242 10.83 31.88 10.89
CA PRO A 242 10.44 30.94 11.93
C PRO A 242 9.40 31.49 12.90
N ALA A 243 9.42 32.80 13.15
CA ALA A 243 8.45 33.41 14.08
C ALA A 243 7.04 33.42 13.51
N ASP A 244 6.93 33.27 12.17
CA ASP A 244 5.62 33.29 11.50
C ASP A 244 5.14 31.90 11.05
N LEU A 245 5.95 30.88 11.29
CA LEU A 245 5.67 29.59 10.69
C LEU A 245 4.34 29.02 11.19
N ASP A 246 4.15 29.03 12.51
CA ASP A 246 2.94 28.43 13.04
C ASP A 246 1.68 29.13 12.48
N ALA A 247 1.69 30.46 12.42
CA ALA A 247 0.53 31.20 11.89
C ALA A 247 0.29 30.92 10.42
N ARG A 248 1.36 30.86 9.63
CA ARG A 248 1.21 30.59 8.19
C ARG A 248 0.77 29.14 7.91
N THR A 249 1.16 28.23 8.79
CA THR A 249 0.73 26.84 8.69
C THR A 249 -0.74 26.70 9.02
N GLU A 250 -1.20 27.33 10.11
CA GLU A 250 -2.62 27.34 10.45
C GLU A 250 -3.43 27.97 9.31
N ARG A 251 -2.92 29.02 8.72
CA ARG A 251 -3.58 29.66 7.60
C ARG A 251 -3.76 28.68 6.43
N LEU A 252 -2.68 28.01 6.07
CA LEU A 252 -2.72 27.02 4.98
C LEU A 252 -3.68 25.89 5.27
N VAL A 253 -3.57 25.27 6.44
CA VAL A 253 -4.47 24.18 6.75
C VAL A 253 -5.94 24.60 6.81
N GLU A 254 -6.21 25.82 7.26
CA GLU A 254 -7.57 26.35 7.32
CA GLU A 254 -7.60 26.28 7.33
C GLU A 254 -8.16 26.53 5.92
N ARG A 255 -7.31 26.98 4.97
CA ARG A 255 -7.77 27.17 3.59
C ARG A 255 -8.11 25.84 2.93
N ILE A 256 -7.29 24.81 3.18
CA ILE A 256 -7.59 23.49 2.69
C ILE A 256 -8.80 22.90 3.39
N ALA A 257 -8.91 23.07 4.72
CA ALA A 257 -10.04 22.51 5.47
C ALA A 257 -11.35 23.14 5.10
N ALA A 258 -11.32 24.33 4.49
CA ALA A 258 -12.55 24.98 4.09
C ALA A 258 -13.21 24.31 2.88
N MET A 259 -12.49 23.43 2.21
CA MET A 259 -12.98 22.78 0.99
C MET A 259 -13.75 21.53 1.33
N PRO A 260 -14.73 21.14 0.51
CA PRO A 260 -15.38 19.86 0.76
C PRO A 260 -14.42 18.68 0.64
N VAL A 261 -14.63 17.69 1.49
CA VAL A 261 -13.81 16.49 1.47
C VAL A 261 -13.81 15.85 0.08
N ASN A 262 -14.96 15.71 -0.53
CA ASN A 262 -15.02 15.06 -1.83
C ASN A 262 -14.16 15.75 -2.93
N GLN A 263 -14.22 17.08 -2.95
CA GLN A 263 -13.37 17.85 -3.83
C GLN A 263 -11.89 17.59 -3.58
N LEU A 264 -11.50 17.61 -2.31
CA LEU A 264 -10.11 17.38 -1.92
C LEU A 264 -9.62 16.00 -2.33
N ILE A 265 -10.41 14.97 -2.06
CA ILE A 265 -10.00 13.62 -2.44
C ILE A 265 -9.82 13.52 -3.96
N MET A 266 -10.74 14.11 -4.75
CA MET A 266 -10.64 14.06 -6.20
C MET A 266 -9.38 14.80 -6.74
N ALA A 267 -9.07 15.97 -6.16
CA ALA A 267 -7.88 16.73 -6.53
C ALA A 267 -6.61 15.89 -6.28
N LYS A 268 -6.58 15.24 -5.11
CA LYS A 268 -5.41 14.42 -4.78
C LYS A 268 -5.31 13.21 -5.72
N LEU A 269 -6.43 12.53 -5.99
CA LEU A 269 -6.42 11.37 -6.92
C LEU A 269 -5.93 11.78 -8.30
N ALA A 270 -6.40 12.94 -8.77
CA ALA A 270 -6.05 13.39 -10.10
C ALA A 270 -4.55 13.71 -10.15
N CYS A 271 -4.07 14.49 -9.19
CA CYS A 271 -2.62 14.81 -9.15
C CYS A 271 -1.73 13.60 -8.96
N ASN A 272 -2.15 12.65 -8.12
CA ASN A 272 -1.34 11.48 -7.85
C ASN A 272 -1.21 10.57 -9.07
N THR A 273 -2.15 10.64 -10.00
CA THR A 273 -1.93 9.83 -11.21
C THR A 273 -0.61 10.21 -11.88
N ALA A 274 -0.37 11.51 -12.03
CA ALA A 274 0.91 11.98 -12.63
C ALA A 274 2.13 11.65 -11.78
N LEU A 275 2.03 11.83 -10.47
CA LEU A 275 3.14 11.63 -9.56
C LEU A 275 3.57 10.16 -9.63
N LEU A 276 2.61 9.28 -9.47
CA LEU A 276 2.94 7.87 -9.38
C LEU A 276 3.46 7.32 -10.73
N ASN A 277 3.03 7.92 -11.84
CA ASN A 277 3.48 7.54 -13.18
C ASN A 277 4.96 7.88 -13.45
N GLN A 278 5.57 8.68 -12.57
CA GLN A 278 7.03 8.96 -12.62
C GLN A 278 7.89 7.79 -12.20
N GLY A 279 7.29 6.73 -11.69
CA GLY A 279 8.07 5.56 -11.26
C GLY A 279 8.47 5.58 -9.78
N VAL A 280 7.64 6.21 -8.96
CA VAL A 280 7.89 6.35 -7.54
C VAL A 280 8.06 4.97 -6.84
N ALA A 281 7.23 4.02 -7.22
CA ALA A 281 7.32 2.67 -6.61
C ALA A 281 8.70 2.02 -6.79
N THR A 282 9.21 2.10 -8.01
CA THR A 282 10.53 1.62 -8.34
C THR A 282 11.64 2.39 -7.61
N SER A 283 11.55 3.73 -7.61
CA SER A 283 12.57 4.54 -6.89
C SER A 283 12.63 4.10 -5.43
N GLN A 284 11.46 3.89 -4.83
CA GLN A 284 11.40 3.52 -3.42
C GLN A 284 11.97 2.13 -3.19
N MET A 285 11.61 1.17 -4.03
CA MET A 285 12.12 -0.18 -3.87
C MET A 285 13.65 -0.20 -3.96
N VAL A 286 14.20 0.33 -5.04
CA VAL A 286 15.65 0.19 -5.18
CA VAL A 286 15.66 0.25 -5.24
C VAL A 286 16.42 1.02 -4.12
N SER A 287 15.87 2.17 -3.73
CA SER A 287 16.51 2.98 -2.69
C SER A 287 16.54 2.31 -1.31
N THR A 288 15.48 1.56 -1.01
CA THR A 288 15.41 0.80 0.24
C THR A 288 16.44 -0.32 0.22
N VAL A 289 16.60 -0.98 -0.92
CA VAL A 289 17.69 -1.98 -1.05
C VAL A 289 19.06 -1.29 -0.85
N PHE A 290 19.26 -0.14 -1.49
CA PHE A 290 20.51 0.59 -1.37
C PHE A 290 20.77 1.05 0.08
N ASP A 291 19.73 1.43 0.82
CA ASP A 291 19.92 1.83 2.21
C ASP A 291 20.47 0.66 3.03
N GLY A 292 19.93 -0.53 2.80
CA GLY A 292 20.46 -1.76 3.43
C GLY A 292 21.92 -1.95 3.08
N ILE A 293 22.27 -1.78 1.80
CA ILE A 293 23.70 -1.85 1.39
C ILE A 293 24.58 -0.87 2.13
N ALA A 294 24.13 0.40 2.23
CA ALA A 294 24.89 1.42 2.93
C ALA A 294 25.16 1.05 4.36
N ARG A 295 24.21 0.34 4.98
CA ARG A 295 24.38 -0.05 6.38
C ARG A 295 25.28 -1.25 6.58
N HIS A 296 25.69 -1.90 5.47
CA HIS A 296 26.51 -3.12 5.53
C HIS A 296 27.82 -3.08 4.75
N THR A 297 28.17 -1.95 4.15
CA THR A 297 29.47 -1.83 3.45
C THR A 297 30.58 -1.69 4.50
N PRO A 298 31.82 -1.86 4.07
CA PRO A 298 32.90 -1.55 5.01
C PRO A 298 32.75 -0.16 5.62
N GLU A 299 32.35 0.81 4.80
CA GLU A 299 32.17 2.18 5.32
C GLU A 299 31.08 2.27 6.40
N GLY A 300 29.95 1.62 6.14
CA GLY A 300 28.85 1.58 7.08
C GLY A 300 29.25 0.96 8.41
N HIS A 301 29.94 -0.17 8.33
CA HIS A 301 30.39 -0.87 9.57
C HIS A 301 31.41 -0.04 10.33
N ALA A 302 32.28 0.65 9.60
CA ALA A 302 33.25 1.58 10.28
C ALA A 302 32.56 2.71 11.00
N PHE A 303 31.48 3.26 10.43
CA PHE A 303 30.68 4.29 11.12
C PHE A 303 30.07 3.75 12.41
N VAL A 304 29.52 2.53 12.36
CA VAL A 304 28.94 1.90 13.54
C VAL A 304 30.05 1.66 14.59
N ALA A 305 31.24 1.27 14.17
CA ALA A 305 32.34 1.00 15.12
C ALA A 305 32.73 2.29 15.85
N THR A 306 32.70 3.40 15.12
CA THR A 306 32.95 4.72 15.70
C THR A 306 31.86 5.14 16.67
N ALA A 307 30.59 4.88 16.32
CA ALA A 307 29.44 5.20 17.17
C ALA A 307 29.50 4.40 18.48
N ARG A 308 30.00 3.17 18.41
CA ARG A 308 30.08 2.34 19.61
C ARG A 308 31.19 2.78 20.53
N GLU A 309 32.35 3.14 19.97
CA GLU A 309 33.45 3.65 20.76
C GLU A 309 33.23 5.06 21.31
N HIS A 310 32.71 5.99 20.51
CA HIS A 310 32.59 7.38 20.96
C HIS A 310 31.18 7.89 21.19
N GLY A 311 30.17 7.06 20.92
CA GLY A 311 28.81 7.55 20.92
C GLY A 311 28.38 8.01 19.51
N PHE A 312 27.08 7.93 19.27
CA PHE A 312 26.50 8.29 17.98
C PHE A 312 26.66 9.80 17.68
N ARG A 313 26.44 10.64 18.70
CA ARG A 313 26.53 12.09 18.53
C ARG A 313 27.91 12.46 17.99
N GLU A 314 28.94 11.86 18.57
CA GLU A 314 30.31 12.12 18.14
C GLU A 314 30.67 11.49 16.78
N ALA A 315 30.11 10.33 16.48
CA ALA A 315 30.32 9.72 15.15
C ALA A 315 29.74 10.66 14.08
N VAL A 316 28.58 11.26 14.37
CA VAL A 316 27.92 12.24 13.47
C VAL A 316 28.77 13.52 13.32
N ARG A 317 29.32 14.02 14.45
CA ARG A 317 30.15 15.20 14.39
C ARG A 317 31.36 14.93 13.52
N ARG A 318 31.94 13.74 13.62
CA ARG A 318 33.13 13.45 12.85
C ARG A 318 32.84 13.24 11.36
N ARG A 319 31.62 12.81 11.07
CA ARG A 319 31.13 12.71 9.70
C ARG A 319 30.98 14.09 9.05
N ASP A 320 30.39 15.04 9.77
CA ASP A 320 30.00 16.33 9.20
C ASP A 320 31.01 17.46 9.40
N GLU A 321 31.80 17.41 10.49
CA GLU A 321 32.69 18.54 10.74
C GLU A 321 33.69 18.81 9.60
N PRO A 322 34.24 17.74 8.98
CA PRO A 322 35.09 18.00 7.81
C PRO A 322 34.42 18.70 6.63
N MET A 323 33.08 18.61 6.54
CA MET A 323 32.31 19.23 5.47
CA MET A 323 32.30 19.22 5.46
C MET A 323 31.81 20.62 5.87
N GLY A 324 32.18 21.03 7.08
CA GLY A 324 31.86 22.36 7.54
C GLY A 324 30.43 22.62 7.92
N ASP A 325 29.62 21.58 8.05
CA ASP A 325 28.18 21.77 8.26
C ASP A 325 27.62 20.92 9.42
N HIS A 326 28.45 20.62 10.41
CA HIS A 326 27.94 19.90 11.60
C HIS A 326 26.78 20.63 12.34
N GLY A 327 25.77 19.87 12.80
CA GLY A 327 24.74 20.43 13.68
C GLY A 327 23.70 21.24 12.93
N ARG A 328 23.41 22.44 13.44
CA ARG A 328 22.55 23.38 12.74
C ARG A 328 23.31 24.16 11.62
N ARG A 329 24.62 23.96 11.45
CA ARG A 329 25.36 24.79 10.46
C ARG A 329 24.76 24.50 9.05
N ALA A 330 24.71 25.54 8.22
CA ALA A 330 24.16 25.44 6.85
C ALA A 330 25.22 24.81 6.01
N SER A 331 24.84 24.23 4.85
CA SER A 331 25.87 23.73 3.92
C SER A 331 26.32 24.69 2.80
N ASP A 332 25.73 25.89 2.70
CA ASP A 332 26.09 26.89 1.67
C ASP A 332 25.97 26.34 0.26
N VAL A 333 24.84 25.67 0.01
CA VAL A 333 24.53 25.18 -1.31
C VAL A 333 24.21 26.36 -2.26
N PRO B 28 -9.62 -5.23 14.71
CA PRO B 28 -8.35 -5.97 14.60
C PRO B 28 -8.64 -7.45 14.37
N VAL B 29 -7.91 -8.06 13.43
CA VAL B 29 -8.12 -9.45 13.07
C VAL B 29 -7.62 -10.38 14.19
N ASP B 30 -8.48 -11.29 14.64
CA ASP B 30 -8.09 -12.29 15.65
C ASP B 30 -7.79 -13.62 14.96
N PHE B 31 -6.52 -14.00 14.91
CA PHE B 31 -6.12 -15.24 14.25
C PHE B 31 -6.76 -16.52 14.83
N ASP B 32 -7.23 -16.46 16.09
CA ASP B 32 -7.94 -17.56 16.72
C ASP B 32 -9.44 -17.53 16.49
N ASN B 33 -9.96 -16.47 15.86
CA ASN B 33 -11.37 -16.41 15.54
C ASN B 33 -11.53 -15.70 14.19
N LEU B 34 -11.04 -16.36 13.14
CA LEU B 34 -11.17 -15.84 11.80
C LEU B 34 -12.60 -16.11 11.33
N LYS B 35 -13.16 -15.16 10.63
CA LYS B 35 -14.54 -15.20 10.21
C LYS B 35 -14.77 -15.72 8.81
N THR B 36 -13.83 -15.52 7.90
CA THR B 36 -14.13 -15.75 6.50
C THR B 36 -13.19 -16.75 5.82
N MET B 37 -12.08 -17.07 6.49
CA MET B 37 -11.03 -17.90 5.87
C MET B 37 -10.22 -18.57 6.98
N THR B 38 -9.43 -19.56 6.62
CA THR B 38 -8.53 -20.25 7.54
C THR B 38 -7.07 -20.04 7.14
N TYR B 39 -6.17 -20.27 8.09
CA TYR B 39 -4.72 -20.15 7.88
C TYR B 39 -4.02 -21.38 8.49
N GLU B 40 -3.11 -21.96 7.74
CA GLU B 40 -2.29 -23.09 8.19
C GLU B 40 -0.99 -23.10 7.42
N VAL B 41 0.11 -23.26 8.12
CA VAL B 41 1.43 -23.40 7.51
C VAL B 41 1.83 -24.86 7.53
N THR B 42 2.13 -25.39 6.36
CA THR B 42 2.55 -26.77 6.21
C THR B 42 3.88 -26.72 5.50
N ASP B 43 4.88 -26.95 6.34
CA ASP B 43 6.25 -26.93 5.98
C ASP B 43 6.56 -25.39 5.67
N ARG B 44 6.62 -25.11 4.39
CA ARG B 44 6.95 -23.77 3.89
C ARG B 44 5.82 -23.12 3.11
N VAL B 45 4.65 -23.74 3.11
CA VAL B 45 3.47 -23.19 2.38
C VAL B 45 2.48 -22.65 3.39
N ALA B 46 2.16 -21.36 3.29
CA ALA B 46 1.08 -20.75 4.07
C ALA B 46 -0.19 -20.87 3.25
N ARG B 47 -1.17 -21.61 3.77
CA ARG B 47 -2.41 -21.89 3.08
C ARG B 47 -3.49 -20.98 3.65
N ILE B 48 -3.99 -20.10 2.80
CA ILE B 48 -5.08 -19.22 3.12
C ILE B 48 -6.28 -19.71 2.35
N THR B 49 -7.28 -20.20 3.11
CA THR B 49 -8.37 -20.97 2.45
C THR B 49 -9.71 -20.38 2.81
N PHE B 50 -10.41 -19.86 1.81
CA PHE B 50 -11.71 -19.24 2.07
C PHE B 50 -12.69 -20.28 2.66
N ASN B 51 -13.53 -19.80 3.56
CA ASN B 51 -14.32 -20.70 4.43
C ASN B 51 -15.77 -20.26 4.54
N ARG B 52 -16.34 -19.80 3.43
CA ARG B 52 -17.80 -19.58 3.32
C ARG B 52 -18.37 -20.34 2.10
N PRO B 53 -18.20 -21.66 2.04
CA PRO B 53 -18.51 -22.42 0.83
C PRO B 53 -19.97 -22.30 0.40
N GLU B 54 -20.84 -22.25 1.39
CA GLU B 54 -22.29 -22.18 1.19
C GLU B 54 -22.73 -20.90 0.45
N LYS B 55 -21.88 -19.89 0.50
CA LYS B 55 -22.11 -18.65 -0.21
C LYS B 55 -21.12 -18.39 -1.34
N GLY B 56 -20.50 -19.45 -1.89
CA GLY B 56 -19.49 -19.28 -2.94
C GLY B 56 -18.33 -18.42 -2.50
N ASN B 57 -18.00 -18.48 -1.21
CA ASN B 57 -16.95 -17.61 -0.61
C ASN B 57 -17.07 -16.14 -0.92
N ALA B 58 -18.31 -15.67 -0.92
CA ALA B 58 -18.62 -14.31 -1.35
C ALA B 58 -17.90 -13.34 -0.41
N ILE B 59 -17.50 -12.21 -0.97
CA ILE B 59 -16.69 -11.21 -0.27
C ILE B 59 -17.56 -10.36 0.65
N VAL B 60 -17.13 -10.23 1.91
CA VAL B 60 -17.80 -9.45 2.92
C VAL B 60 -16.77 -8.48 3.52
N ALA B 61 -17.23 -7.58 4.38
CA ALA B 61 -16.33 -6.54 4.91
C ALA B 61 -15.03 -7.09 5.54
N ASP B 62 -15.10 -8.22 6.23
CA ASP B 62 -13.89 -8.80 6.84
C ASP B 62 -12.95 -9.52 5.88
N THR B 63 -13.40 -9.80 4.67
CA THR B 63 -12.58 -10.55 3.72
C THR B 63 -11.25 -9.84 3.43
N PRO B 64 -11.29 -8.57 3.01
CA PRO B 64 -9.98 -7.92 2.70
C PRO B 64 -9.10 -7.75 3.95
N LEU B 65 -9.73 -7.59 5.12
CA LEU B 65 -9.02 -7.37 6.38
C LEU B 65 -8.28 -8.64 6.76
N GLU B 66 -8.99 -9.77 6.72
CA GLU B 66 -8.38 -11.06 7.01
C GLU B 66 -7.34 -11.46 5.99
N LEU B 67 -7.60 -11.23 4.71
CA LEU B 67 -6.64 -11.62 3.68
C LEU B 67 -5.31 -10.89 3.87
N SER B 68 -5.39 -9.57 4.01
CA SER B 68 -4.18 -8.78 4.12
CA SER B 68 -4.22 -8.72 4.17
C SER B 68 -3.43 -9.07 5.42
N ALA B 69 -4.14 -9.35 6.51
CA ALA B 69 -3.50 -9.66 7.79
C ALA B 69 -2.75 -10.99 7.69
N LEU B 70 -3.38 -11.97 7.06
CA LEU B 70 -2.75 -13.30 6.91
C LEU B 70 -1.58 -13.30 5.94
N VAL B 71 -1.69 -12.50 4.88
CA VAL B 71 -0.60 -12.35 3.95
C VAL B 71 0.62 -11.73 4.68
N GLU B 72 0.39 -10.68 5.47
CA GLU B 72 1.45 -10.06 6.27
C GLU B 72 2.07 -11.07 7.24
N ARG B 73 1.24 -11.85 7.93
CA ARG B 73 1.75 -12.89 8.82
C ARG B 73 2.68 -13.88 8.10
N ALA B 74 2.24 -14.36 6.94
CA ALA B 74 3.08 -15.24 6.09
C ALA B 74 4.39 -14.55 5.67
N ASP B 75 4.29 -13.31 5.23
CA ASP B 75 5.50 -12.52 4.85
C ASP B 75 6.52 -12.46 5.97
N LEU B 76 6.06 -12.35 7.22
CA LEU B 76 6.97 -12.14 8.34
C LEU B 76 7.49 -13.47 8.99
N ASP B 77 6.92 -14.59 8.58
CA ASP B 77 7.30 -15.90 9.10
C ASP B 77 8.47 -16.45 8.28
N PRO B 78 9.67 -16.56 8.91
CA PRO B 78 10.83 -17.03 8.14
C PRO B 78 10.74 -18.49 7.67
N ASP B 79 9.79 -19.23 8.19
CA ASP B 79 9.59 -20.60 7.72
C ASP B 79 8.60 -20.68 6.56
N VAL B 80 8.01 -19.56 6.18
CA VAL B 80 7.10 -19.55 5.01
C VAL B 80 7.86 -19.06 3.77
N HIS B 81 7.78 -19.80 2.67
CA HIS B 81 8.36 -19.41 1.36
C HIS B 81 7.32 -18.97 0.30
N VAL B 82 6.09 -19.46 0.43
CA VAL B 82 5.06 -19.25 -0.59
C VAL B 82 3.70 -19.28 0.09
N ILE B 83 2.77 -18.50 -0.49
CA ILE B 83 1.40 -18.36 -0.01
C ILE B 83 0.48 -18.98 -1.03
N LEU B 84 -0.39 -19.89 -0.60
CA LEU B 84 -1.36 -20.54 -1.49
C LEU B 84 -2.80 -20.20 -1.04
N VAL B 85 -3.52 -19.53 -1.94
CA VAL B 85 -4.89 -19.09 -1.71
C VAL B 85 -5.85 -19.96 -2.49
N SER B 86 -6.85 -20.50 -1.82
CA SER B 86 -7.87 -21.33 -2.47
C SER B 86 -9.18 -21.17 -1.71
N GLY B 87 -10.26 -21.75 -2.24
CA GLY B 87 -11.57 -21.68 -1.56
C GLY B 87 -12.24 -23.04 -1.38
N ARG B 88 -12.98 -23.19 -0.28
CA ARG B 88 -13.75 -24.41 -0.06
C ARG B 88 -15.05 -24.38 -0.84
N GLY B 89 -15.67 -25.55 -1.03
CA GLY B 89 -16.95 -25.61 -1.71
C GLY B 89 -16.84 -25.83 -3.20
N GLU B 90 -17.85 -25.42 -3.92
CA GLU B 90 -17.91 -25.74 -5.35
C GLU B 90 -17.06 -24.82 -6.22
N GLY B 91 -16.66 -23.66 -5.67
CA GLY B 91 -15.82 -22.73 -6.43
C GLY B 91 -14.96 -21.83 -5.56
N PHE B 92 -14.01 -21.16 -6.20
CA PHE B 92 -13.05 -20.30 -5.52
C PHE B 92 -13.78 -19.10 -4.91
N CYS B 93 -14.48 -18.33 -5.73
CA CYS B 93 -15.17 -17.13 -5.25
C CYS B 93 -16.16 -16.59 -6.27
N ALA B 94 -17.37 -16.34 -5.82
CA ALA B 94 -18.48 -15.87 -6.68
C ALA B 94 -18.63 -14.37 -6.74
N GLY B 95 -17.81 -13.63 -5.97
CA GLY B 95 -17.78 -12.18 -6.00
C GLY B 95 -18.32 -11.55 -4.75
N PHE B 96 -18.76 -10.29 -4.86
CA PHE B 96 -19.20 -9.54 -3.69
C PHE B 96 -20.57 -9.99 -3.19
N ASP B 97 -20.65 -10.23 -1.89
CA ASP B 97 -21.91 -10.52 -1.17
C ASP B 97 -22.75 -9.26 -1.12
N LEU B 98 -24.02 -9.37 -1.51
CA LEU B 98 -25.01 -8.30 -1.28
C LEU B 98 -24.76 -7.61 0.06
N PRO B 113 -17.31 -1.27 14.77
CA PRO B 113 -16.05 -0.53 14.65
C PRO B 113 -16.05 0.53 13.53
N TYR B 114 -17.07 0.51 12.66
CA TYR B 114 -17.12 1.50 11.58
C TYR B 114 -18.09 2.62 11.90
N GLU B 115 -18.78 2.54 13.06
CA GLU B 115 -19.77 3.53 13.44
C GLU B 115 -19.05 4.87 13.56
N GLY B 116 -19.67 5.92 13.04
CA GLY B 116 -19.08 7.24 13.07
C GLY B 116 -17.92 7.40 12.09
N THR B 117 -17.75 6.44 11.19
CA THR B 117 -16.74 6.61 10.11
C THR B 117 -17.47 6.67 8.78
N VAL B 118 -16.73 7.02 7.73
CA VAL B 118 -17.29 7.03 6.36
C VAL B 118 -17.70 5.63 5.87
N LEU B 119 -17.16 4.59 6.51
CA LEU B 119 -17.45 3.20 6.17
C LEU B 119 -18.66 2.66 6.94
N SER B 120 -19.29 3.48 7.76
CA SER B 120 -20.43 2.98 8.55
C SER B 120 -21.50 2.45 7.61
N GLY B 121 -22.20 1.42 8.06
CA GLY B 121 -23.32 0.89 7.31
C GLY B 121 -24.35 1.95 6.95
N LYS B 122 -24.65 2.84 7.89
CA LYS B 122 -25.60 3.94 7.69
C LYS B 122 -25.17 4.93 6.58
N THR B 123 -23.92 5.35 6.66
CA THR B 123 -23.35 6.29 5.68
C THR B 123 -23.40 5.64 4.30
N GLN B 124 -23.01 4.39 4.22
CA GLN B 124 -22.95 3.72 2.91
C GLN B 124 -24.32 3.45 2.32
N ALA B 125 -25.26 3.05 3.16
CA ALA B 125 -26.62 2.86 2.71
C ALA B 125 -27.22 4.16 2.21
N LEU B 126 -27.06 5.25 2.96
CA LEU B 126 -27.54 6.56 2.54
C LEU B 126 -26.97 6.92 1.16
N ASN B 127 -25.71 6.54 0.94
CA ASN B 127 -25.01 6.86 -0.28
C ASN B 127 -25.43 5.97 -1.46
N HIS B 128 -26.39 5.07 -1.22
CA HIS B 128 -26.92 4.22 -2.29
C HIS B 128 -28.38 4.50 -2.62
N LEU B 129 -28.96 5.56 -2.05
CA LEU B 129 -30.32 5.97 -2.37
C LEU B 129 -30.31 6.52 -3.78
N PRO B 130 -31.33 6.16 -4.57
CA PRO B 130 -31.36 6.61 -5.97
C PRO B 130 -31.86 8.03 -6.18
N ASP B 131 -32.72 8.53 -5.31
CA ASP B 131 -33.40 9.80 -5.61
C ASP B 131 -32.87 11.04 -4.87
N GLU B 132 -31.57 11.00 -4.57
CA GLU B 132 -30.87 12.10 -3.95
C GLU B 132 -29.47 12.04 -4.54
N PRO B 133 -28.76 13.17 -4.59
CA PRO B 133 -27.36 13.10 -5.07
C PRO B 133 -26.50 12.19 -4.20
N TRP B 134 -25.70 11.34 -4.84
CA TRP B 134 -24.75 10.50 -4.13
C TRP B 134 -23.34 11.10 -4.20
N ASP B 135 -22.45 10.52 -3.40
CA ASP B 135 -21.08 11.00 -3.24
C ASP B 135 -20.09 9.92 -3.66
N PRO B 136 -19.55 10.06 -4.88
CA PRO B 136 -18.62 9.07 -5.38
C PRO B 136 -17.34 8.90 -4.54
N MET B 137 -16.92 9.92 -3.78
CA MET B 137 -15.74 9.78 -2.94
C MET B 137 -16.02 9.01 -1.64
N VAL B 138 -17.24 9.12 -1.14
CA VAL B 138 -17.69 8.25 -0.03
C VAL B 138 -17.64 6.81 -0.52
N ASP B 139 -18.09 6.58 -1.77
CA ASP B 139 -18.01 5.25 -2.32
C ASP B 139 -16.56 4.79 -2.51
N TYR B 140 -15.75 5.65 -3.10
CA TYR B 140 -14.33 5.38 -3.31
C TYR B 140 -13.62 4.98 -2.03
N GLN B 141 -13.86 5.72 -0.94
CA GLN B 141 -13.21 5.38 0.31
C GLN B 141 -13.52 3.96 0.77
N MET B 142 -14.73 3.50 0.46
CA MET B 142 -15.16 2.14 0.77
C MET B 142 -14.56 1.12 -0.16
N MET B 143 -14.77 1.28 -1.48
CA MET B 143 -14.37 0.23 -2.42
C MET B 143 -12.84 0.15 -2.59
N SER B 144 -12.15 1.28 -2.53
CA SER B 144 -10.68 1.24 -2.59
C SER B 144 -10.06 0.43 -1.46
N ARG B 145 -10.74 0.35 -0.33
CA ARG B 145 -10.20 -0.42 0.78
C ARG B 145 -10.42 -1.93 0.61
N PHE B 146 -11.50 -2.33 -0.08
CA PHE B 146 -11.59 -3.74 -0.52
C PHE B 146 -10.37 -4.10 -1.44
N VAL B 147 -10.15 -3.28 -2.47
CA VAL B 147 -9.10 -3.51 -3.42
C VAL B 147 -7.73 -3.48 -2.73
N ARG B 148 -7.53 -2.54 -1.81
CA ARG B 148 -6.28 -2.45 -1.01
C ARG B 148 -5.96 -3.79 -0.34
N GLY B 149 -6.96 -4.43 0.23
CA GLY B 149 -6.76 -5.70 0.92
C GLY B 149 -6.43 -6.79 -0.05
N PHE B 150 -7.15 -6.81 -1.17
CA PHE B 150 -6.86 -7.81 -2.22
C PHE B 150 -5.44 -7.67 -2.80
N ALA B 151 -5.01 -6.43 -2.94
CA ALA B 151 -3.72 -6.11 -3.57
C ALA B 151 -2.52 -6.56 -2.72
N SER B 152 -2.77 -6.97 -1.49
CA SER B 152 -1.75 -7.60 -0.63
C SER B 152 -1.07 -8.76 -1.38
N LEU B 153 -1.81 -9.47 -2.25
CA LEU B 153 -1.25 -10.63 -2.97
C LEU B 153 -0.22 -10.22 -4.04
N MET B 154 -0.34 -9.00 -4.51
CA MET B 154 0.59 -8.42 -5.51
C MET B 154 1.78 -7.78 -4.83
N HIS B 155 1.54 -7.00 -3.77
CA HIS B 155 2.58 -6.18 -3.20
C HIS B 155 3.37 -6.86 -2.09
N CYS B 156 2.90 -8.01 -1.60
CA CYS B 156 3.62 -8.70 -0.52
C CYS B 156 4.98 -9.18 -1.01
N ASP B 157 5.87 -9.42 -0.05
CA ASP B 157 7.24 -9.79 -0.36
C ASP B 157 7.36 -11.18 -1.03
N LYS B 158 6.56 -12.12 -0.56
CA LYS B 158 6.72 -13.52 -1.02
C LYS B 158 5.76 -13.87 -2.15
N PRO B 159 6.08 -14.97 -2.88
CA PRO B 159 5.21 -15.44 -3.99
C PRO B 159 3.82 -15.81 -3.54
N THR B 160 2.81 -15.44 -4.35
CA THR B 160 1.44 -15.85 -4.07
C THR B 160 0.88 -16.67 -5.25
N VAL B 161 0.17 -17.73 -4.89
CA VAL B 161 -0.44 -18.64 -5.82
C VAL B 161 -1.92 -18.73 -5.48
N VAL B 162 -2.77 -18.53 -6.50
CA VAL B 162 -4.19 -18.76 -6.40
C VAL B 162 -4.60 -19.97 -7.20
N LYS B 163 -5.31 -20.89 -6.54
CA LYS B 163 -5.86 -22.07 -7.19
C LYS B 163 -7.34 -21.89 -7.42
N ILE B 164 -7.72 -21.89 -8.68
CA ILE B 164 -9.15 -21.73 -9.06
C ILE B 164 -9.76 -23.04 -9.52
N HIS B 165 -10.76 -23.51 -8.78
CA HIS B 165 -11.61 -24.59 -9.25
C HIS B 165 -13.03 -24.04 -9.34
N GLY B 166 -13.81 -24.63 -10.23
CA GLY B 166 -15.22 -24.30 -10.33
C GLY B 166 -15.50 -23.00 -11.08
N TYR B 167 -15.33 -21.91 -10.38
CA TYR B 167 -15.61 -20.54 -10.85
C TYR B 167 -14.78 -19.53 -10.05
N CYS B 168 -14.46 -18.43 -10.72
CA CYS B 168 -13.84 -17.29 -10.11
C CYS B 168 -14.41 -16.17 -10.95
N VAL B 169 -15.51 -15.58 -10.46
CA VAL B 169 -16.24 -14.60 -11.24
C VAL B 169 -16.47 -13.31 -10.46
N ALA B 170 -16.63 -12.22 -11.21
CA ALA B 170 -17.01 -10.94 -10.64
C ALA B 170 -15.96 -10.53 -9.63
N GLY B 171 -16.34 -10.14 -8.41
CA GLY B 171 -15.33 -9.73 -7.43
C GLY B 171 -14.27 -10.79 -7.13
N GLY B 172 -14.59 -12.06 -7.32
CA GLY B 172 -13.57 -13.09 -7.19
C GLY B 172 -12.30 -12.83 -8.00
N THR B 173 -12.45 -12.24 -9.18
CA THR B 173 -11.31 -11.95 -10.05
C THR B 173 -10.54 -10.74 -9.53
N ASP B 174 -11.21 -9.83 -8.83
CA ASP B 174 -10.51 -8.71 -8.17
C ASP B 174 -9.50 -9.23 -7.14
N ILE B 175 -9.75 -10.41 -6.56
CA ILE B 175 -8.81 -11.08 -5.69
C ILE B 175 -7.76 -11.82 -6.55
N ALA B 176 -8.23 -12.73 -7.39
CA ALA B 176 -7.35 -13.68 -8.05
C ALA B 176 -6.29 -13.05 -8.94
N LEU B 177 -6.67 -12.00 -9.69
CA LEU B 177 -5.75 -11.40 -10.58
C LEU B 177 -4.56 -10.69 -9.92
N HIS B 178 -4.65 -10.38 -8.61
CA HIS B 178 -3.51 -9.85 -7.88
C HIS B 178 -2.43 -10.93 -7.58
N ALA B 179 -2.77 -12.21 -7.64
CA ALA B 179 -1.80 -13.27 -7.29
C ALA B 179 -0.67 -13.32 -8.33
N ASP B 180 0.53 -13.71 -7.89
CA ASP B 180 1.66 -13.91 -8.81
C ASP B 180 1.45 -15.04 -9.81
N GLN B 181 0.79 -16.12 -9.38
CA GLN B 181 0.59 -17.30 -10.17
C GLN B 181 -0.87 -17.72 -10.00
N VAL B 182 -1.56 -17.94 -11.11
CA VAL B 182 -2.93 -18.46 -11.10
C VAL B 182 -2.95 -19.80 -11.79
N ILE B 183 -3.46 -20.83 -11.11
CA ILE B 183 -3.56 -22.16 -11.68
C ILE B 183 -5.06 -22.52 -11.58
N ALA B 184 -5.64 -22.95 -12.69
CA ALA B 184 -7.07 -23.10 -12.79
C ALA B 184 -7.45 -24.46 -13.37
N ALA B 185 -8.50 -25.07 -12.81
CA ALA B 185 -9.07 -26.26 -13.44
C ALA B 185 -9.46 -25.90 -14.89
N ALA B 186 -9.29 -26.86 -15.80
CA ALA B 186 -9.58 -26.64 -17.22
C ALA B 186 -11.01 -26.20 -17.47
N ASP B 187 -11.92 -26.66 -16.61
CA ASP B 187 -13.37 -26.40 -16.74
C ASP B 187 -13.86 -25.26 -15.88
N ALA B 188 -12.95 -24.51 -15.24
CA ALA B 188 -13.36 -23.39 -14.35
C ALA B 188 -13.98 -22.29 -15.19
N LYS B 189 -14.90 -21.54 -14.61
CA LYS B 189 -15.51 -20.38 -15.28
C LYS B 189 -14.93 -19.09 -14.69
N ILE B 190 -14.33 -18.26 -15.55
CA ILE B 190 -13.58 -17.08 -15.10
C ILE B 190 -13.94 -15.85 -15.92
N GLY B 191 -14.34 -14.77 -15.23
CA GLY B 191 -14.73 -13.54 -15.92
C GLY B 191 -15.42 -12.54 -15.01
N TYR B 192 -15.99 -11.50 -15.62
CA TYR B 192 -16.60 -10.40 -14.86
C TYR B 192 -18.00 -10.07 -15.40
N PRO B 193 -18.98 -10.92 -15.06
CA PRO B 193 -20.31 -10.72 -15.60
C PRO B 193 -20.98 -9.41 -15.19
N PRO B 194 -20.63 -8.83 -13.99
CA PRO B 194 -21.27 -7.53 -13.71
C PRO B 194 -20.89 -6.37 -14.62
N MET B 195 -19.98 -6.54 -15.58
CA MET B 195 -19.86 -5.55 -16.67
C MET B 195 -21.23 -5.31 -17.31
N ARG B 196 -22.07 -6.35 -17.31
CA ARG B 196 -23.40 -6.27 -17.91
C ARG B 196 -24.27 -5.27 -17.14
N VAL B 197 -24.11 -5.24 -15.82
CA VAL B 197 -24.80 -4.31 -14.93
C VAL B 197 -24.28 -4.52 -13.54
N TRP B 198 -24.03 -3.38 -12.89
CA TRP B 198 -23.76 -3.25 -11.45
C TRP B 198 -22.28 -3.34 -11.05
N GLY B 199 -21.37 -3.46 -11.99
CA GLY B 199 -19.97 -3.33 -11.63
C GLY B 199 -19.07 -3.00 -12.77
N VAL B 200 -17.89 -2.51 -12.42
CA VAL B 200 -16.74 -2.40 -13.35
C VAL B 200 -15.55 -2.93 -12.51
N PRO B 201 -14.69 -3.80 -13.07
CA PRO B 201 -13.77 -4.51 -12.14
C PRO B 201 -12.86 -3.54 -11.36
N ALA B 202 -13.09 -3.46 -10.04
CA ALA B 202 -12.46 -2.43 -9.22
C ALA B 202 -10.95 -2.60 -9.16
N ALA B 203 -10.45 -3.84 -9.26
CA ALA B 203 -8.99 -4.08 -9.26
C ALA B 203 -8.31 -3.49 -10.47
N GLY B 204 -9.03 -3.34 -11.57
CA GLY B 204 -8.47 -2.72 -12.77
C GLY B 204 -7.31 -3.48 -13.40
N LEU B 205 -7.28 -4.80 -13.25
CA LEU B 205 -6.16 -5.60 -13.71
C LEU B 205 -6.33 -6.35 -15.04
N TRP B 206 -7.52 -6.34 -15.65
CA TRP B 206 -7.74 -7.17 -16.84
C TRP B 206 -6.80 -6.85 -18.00
N ALA B 207 -6.59 -5.58 -18.30
CA ALA B 207 -5.68 -5.21 -19.39
C ALA B 207 -4.22 -5.59 -19.06
N HIS B 208 -3.84 -5.44 -17.80
CA HIS B 208 -2.48 -5.81 -17.38
C HIS B 208 -2.25 -7.33 -17.46
N ARG B 209 -3.27 -8.13 -17.20
CA ARG B 209 -3.11 -9.59 -17.21
C ARG B 209 -3.38 -10.23 -18.58
N LEU B 210 -4.19 -9.58 -19.40
CA LEU B 210 -4.56 -10.15 -20.71
C LEU B 210 -4.09 -9.39 -21.95
N GLY B 211 -3.74 -8.12 -21.81
CA GLY B 211 -3.53 -7.23 -22.97
C GLY B 211 -4.84 -6.60 -23.37
N ASP B 212 -4.76 -5.56 -24.18
CA ASP B 212 -5.92 -4.73 -24.53
C ASP B 212 -7.04 -5.56 -25.19
N GLN B 213 -6.70 -6.38 -26.19
CA GLN B 213 -7.74 -6.96 -27.00
C GLN B 213 -8.57 -8.00 -26.23
N ARG B 214 -7.88 -8.88 -25.52
CA ARG B 214 -8.57 -9.92 -24.78
C ARG B 214 -9.28 -9.38 -23.54
N ALA B 215 -8.73 -8.36 -22.87
CA ALA B 215 -9.43 -7.70 -21.77
C ALA B 215 -10.75 -7.07 -22.27
N LYS B 216 -10.66 -6.33 -23.39
CA LYS B 216 -11.87 -5.71 -23.97
C LYS B 216 -12.89 -6.80 -24.38
N ARG B 217 -12.42 -7.94 -24.89
CA ARG B 217 -13.35 -8.99 -25.30
C ARG B 217 -14.25 -9.42 -24.14
N LEU B 218 -13.67 -9.49 -22.95
CA LEU B 218 -14.38 -9.92 -21.77
C LEU B 218 -15.13 -8.76 -21.12
N LEU B 219 -14.57 -7.56 -21.10
CA LEU B 219 -15.22 -6.44 -20.39
C LEU B 219 -16.29 -5.76 -21.24
N PHE B 220 -16.24 -5.95 -22.55
CA PHE B 220 -17.32 -5.43 -23.43
C PHE B 220 -18.51 -6.38 -23.53
N THR B 221 -18.43 -7.55 -22.90
CA THR B 221 -19.51 -8.53 -22.95
C THR B 221 -19.95 -9.12 -21.61
N GLY B 222 -19.10 -9.04 -20.58
CA GLY B 222 -19.37 -9.78 -19.34
C GLY B 222 -19.20 -11.30 -19.53
N ASP B 223 -18.64 -11.74 -20.66
CA ASP B 223 -18.44 -13.15 -20.91
C ASP B 223 -17.33 -13.77 -20.04
N CYS B 224 -17.47 -15.08 -19.79
CA CYS B 224 -16.44 -15.81 -19.05
C CYS B 224 -15.71 -16.75 -19.99
N ILE B 225 -14.45 -17.01 -19.67
CA ILE B 225 -13.64 -18.02 -20.37
C ILE B 225 -13.43 -19.24 -19.47
N THR B 226 -13.09 -20.37 -20.09
CA THR B 226 -12.75 -21.55 -19.32
C THR B 226 -11.33 -21.42 -18.74
N GLY B 227 -11.01 -22.27 -17.75
CA GLY B 227 -9.63 -22.34 -17.28
C GLY B 227 -8.66 -22.68 -18.41
N ALA B 228 -9.08 -23.54 -19.34
CA ALA B 228 -8.22 -23.92 -20.46
C ALA B 228 -7.89 -22.69 -21.29
N GLN B 229 -8.90 -21.90 -21.59
CA GLN B 229 -8.69 -20.63 -22.34
C GLN B 229 -7.85 -19.65 -21.54
N ALA B 230 -8.02 -19.64 -20.22
CA ALA B 230 -7.28 -18.74 -19.39
C ALA B 230 -5.77 -19.06 -19.48
N ALA B 231 -5.41 -20.35 -19.53
CA ALA B 231 -4.01 -20.74 -19.77
C ALA B 231 -3.52 -20.34 -21.17
N GLU B 232 -4.34 -20.58 -22.19
CA GLU B 232 -3.98 -20.18 -23.55
CA GLU B 232 -4.07 -20.18 -23.58
C GLU B 232 -3.76 -18.68 -23.64
N TRP B 233 -4.56 -17.91 -22.91
CA TRP B 233 -4.42 -16.45 -22.92
C TRP B 233 -3.41 -15.86 -21.94
N GLY B 234 -2.74 -16.72 -21.16
CA GLY B 234 -1.73 -16.30 -20.24
C GLY B 234 -2.27 -15.70 -18.94
N LEU B 235 -3.59 -15.82 -18.70
CA LEU B 235 -4.18 -15.40 -17.42
C LEU B 235 -3.80 -16.40 -16.31
N ALA B 236 -3.76 -17.69 -16.66
CA ALA B 236 -3.31 -18.74 -15.78
C ALA B 236 -2.02 -19.36 -16.33
N VAL B 237 -1.17 -19.85 -15.43
CA VAL B 237 0.10 -20.45 -15.84
CA VAL B 237 0.13 -20.47 -15.82
C VAL B 237 -0.05 -21.87 -16.36
N GLU B 238 -1.05 -22.59 -15.85
CA GLU B 238 -1.42 -23.92 -16.34
C GLU B 238 -2.90 -24.17 -16.00
N ALA B 239 -3.53 -25.07 -16.73
CA ALA B 239 -4.92 -25.44 -16.55
C ALA B 239 -5.10 -26.98 -16.59
N PRO B 240 -4.76 -27.64 -15.48
CA PRO B 240 -4.94 -29.07 -15.38
C PRO B 240 -6.40 -29.46 -15.40
N ASP B 241 -6.68 -30.67 -15.85
CA ASP B 241 -8.02 -31.18 -15.74
CA ASP B 241 -8.00 -31.29 -15.70
C ASP B 241 -8.43 -31.11 -14.26
N PRO B 242 -9.74 -30.97 -14.01
CA PRO B 242 -10.09 -30.79 -12.59
C PRO B 242 -9.60 -31.92 -11.67
N ALA B 243 -9.49 -33.15 -12.19
CA ALA B 243 -9.08 -34.30 -11.36
C ALA B 243 -7.62 -34.19 -10.95
N ASP B 244 -6.84 -33.43 -11.71
CA ASP B 244 -5.38 -33.28 -11.49
C ASP B 244 -5.02 -31.91 -10.90
N LEU B 245 -6.02 -31.04 -10.68
CA LEU B 245 -5.75 -29.68 -10.19
C LEU B 245 -5.00 -29.66 -8.87
N ASP B 246 -5.50 -30.38 -7.87
CA ASP B 246 -4.89 -30.34 -6.55
C ASP B 246 -3.44 -30.85 -6.59
N ALA B 247 -3.20 -31.94 -7.30
CA ALA B 247 -1.83 -32.48 -7.45
C ALA B 247 -0.86 -31.53 -8.16
N ARG B 248 -1.30 -30.93 -9.28
CA ARG B 248 -0.45 -29.99 -10.01
C ARG B 248 -0.18 -28.70 -9.21
N THR B 249 -1.15 -28.31 -8.41
CA THR B 249 -1.04 -27.11 -7.56
C THR B 249 -0.03 -27.39 -6.46
N GLU B 250 -0.15 -28.54 -5.80
CA GLU B 250 0.84 -28.94 -4.78
C GLU B 250 2.23 -29.04 -5.37
N ARG B 251 2.33 -29.58 -6.59
CA ARG B 251 3.60 -29.66 -7.27
C ARG B 251 4.18 -28.29 -7.52
N LEU B 252 3.37 -27.37 -8.05
CA LEU B 252 3.86 -26.02 -8.28
C LEU B 252 4.33 -25.35 -6.98
N VAL B 253 3.51 -25.36 -5.93
CA VAL B 253 3.92 -24.71 -4.71
C VAL B 253 5.13 -25.38 -4.07
N GLU B 254 5.28 -26.70 -4.19
CA GLU B 254 6.48 -27.38 -3.65
CA GLU B 254 6.48 -27.36 -3.65
C GLU B 254 7.75 -26.93 -4.40
N ARG B 255 7.66 -26.75 -5.70
CA ARG B 255 8.83 -26.29 -6.45
C ARG B 255 9.22 -24.87 -6.06
N ILE B 256 8.23 -24.00 -5.88
CA ILE B 256 8.52 -22.66 -5.41
C ILE B 256 9.09 -22.67 -4.00
N ALA B 257 8.50 -23.47 -3.11
CA ALA B 257 8.91 -23.53 -1.69
C ALA B 257 10.31 -24.12 -1.55
N ALA B 258 10.78 -24.87 -2.54
CA ALA B 258 12.13 -25.41 -2.53
C ALA B 258 13.22 -24.38 -2.71
N MET B 259 12.83 -23.15 -3.08
CA MET B 259 13.76 -22.08 -3.35
C MET B 259 14.04 -21.30 -2.06
N PRO B 260 15.23 -20.70 -1.94
CA PRO B 260 15.47 -19.82 -0.77
C PRO B 260 14.54 -18.61 -0.78
N VAL B 261 14.09 -18.21 0.40
CA VAL B 261 13.25 -17.01 0.52
C VAL B 261 13.90 -15.77 -0.10
N ASN B 262 15.19 -15.55 0.14
CA ASN B 262 15.84 -14.38 -0.40
C ASN B 262 15.84 -14.28 -1.93
N GLN B 263 16.05 -15.40 -2.58
CA GLN B 263 15.97 -15.50 -4.01
C GLN B 263 14.56 -15.19 -4.50
N LEU B 264 13.54 -15.75 -3.85
CA LEU B 264 12.14 -15.55 -4.24
C LEU B 264 11.74 -14.09 -4.14
N ILE B 265 12.10 -13.46 -3.04
CA ILE B 265 11.75 -12.06 -2.81
C ILE B 265 12.42 -11.19 -3.88
N MET B 266 13.68 -11.45 -4.19
CA MET B 266 14.38 -10.69 -5.25
C MET B 266 13.71 -10.87 -6.63
N ALA B 267 13.37 -12.10 -6.98
CA ALA B 267 12.72 -12.38 -8.28
C ALA B 267 11.42 -11.60 -8.38
N LYS B 268 10.67 -11.58 -7.28
CA LYS B 268 9.41 -10.84 -7.27
C LYS B 268 9.62 -9.33 -7.35
N LEU B 269 10.55 -8.79 -6.61
CA LEU B 269 10.86 -7.37 -6.72
C LEU B 269 11.25 -6.97 -8.15
N ALA B 270 12.10 -7.79 -8.77
CA ALA B 270 12.57 -7.52 -10.11
C ALA B 270 11.39 -7.52 -11.10
N CYS B 271 10.57 -8.58 -11.08
CA CYS B 271 9.45 -8.68 -12.02
C CYS B 271 8.43 -7.57 -11.77
N ASN B 272 8.19 -7.25 -10.48
CA ASN B 272 7.19 -6.23 -10.20
C ASN B 272 7.59 -4.84 -10.65
N THR B 273 8.87 -4.57 -10.83
CA THR B 273 9.24 -3.25 -11.37
C THR B 273 8.59 -3.02 -12.75
N ALA B 274 8.73 -4.02 -13.63
CA ALA B 274 8.03 -3.99 -14.93
C ALA B 274 6.51 -3.93 -14.83
N LEU B 275 5.95 -4.77 -13.99
CA LEU B 275 4.49 -4.79 -13.83
C LEU B 275 3.94 -3.42 -13.40
N LEU B 276 4.48 -2.89 -12.32
CA LEU B 276 3.91 -1.67 -11.79
C LEU B 276 4.17 -0.45 -12.71
N ASN B 277 5.23 -0.49 -13.49
CA ASN B 277 5.53 0.55 -14.47
C ASN B 277 4.51 0.62 -15.62
N GLN B 278 3.64 -0.38 -15.74
CA GLN B 278 2.52 -0.36 -16.73
C GLN B 278 1.37 0.59 -16.34
N GLY B 279 1.39 1.16 -15.15
CA GLY B 279 0.35 2.11 -14.69
C GLY B 279 -0.77 1.37 -13.94
N VAL B 280 -0.42 0.29 -13.25
CA VAL B 280 -1.41 -0.52 -12.53
C VAL B 280 -2.15 0.34 -11.50
N ALA B 281 -1.42 1.23 -10.83
CA ALA B 281 -2.05 2.02 -9.74
C ALA B 281 -3.18 2.89 -10.27
N THR B 282 -2.94 3.52 -11.41
CA THR B 282 -3.94 4.36 -12.07
C THR B 282 -5.11 3.52 -12.62
N SER B 283 -4.83 2.37 -13.23
CA SER B 283 -5.92 1.48 -13.68
C SER B 283 -6.83 1.12 -12.50
N GLN B 284 -6.24 0.84 -11.34
CA GLN B 284 -7.05 0.43 -10.18
C GLN B 284 -7.85 1.60 -9.64
N MET B 285 -7.22 2.77 -9.54
CA MET B 285 -7.97 3.94 -9.05
C MET B 285 -9.15 4.25 -9.94
N VAL B 286 -8.95 4.39 -11.23
CA VAL B 286 -10.06 4.84 -12.07
CA VAL B 286 -10.04 4.82 -12.11
C VAL B 286 -11.13 3.74 -12.17
N SER B 287 -10.72 2.47 -12.19
CA SER B 287 -11.67 1.38 -12.19
C SER B 287 -12.50 1.31 -10.94
N THR B 288 -11.93 1.62 -9.77
CA THR B 288 -12.68 1.67 -8.54
C THR B 288 -13.72 2.80 -8.57
N VAL B 289 -13.36 3.93 -9.12
CA VAL B 289 -14.34 5.04 -9.34
C VAL B 289 -15.48 4.58 -10.25
N PHE B 290 -15.10 3.91 -11.34
CA PHE B 290 -16.09 3.40 -12.27
C PHE B 290 -17.03 2.39 -11.64
N ASP B 291 -16.51 1.52 -10.76
CA ASP B 291 -17.32 0.51 -10.11
C ASP B 291 -18.41 1.20 -9.26
N GLY B 292 -18.03 2.27 -8.57
CA GLY B 292 -19.02 3.06 -7.82
C GLY B 292 -20.08 3.63 -8.75
N ILE B 293 -19.64 4.13 -9.91
CA ILE B 293 -20.61 4.66 -10.87
C ILE B 293 -21.59 3.58 -11.34
N ALA B 294 -21.06 2.39 -11.65
CA ALA B 294 -21.89 1.25 -12.09
C ALA B 294 -22.96 0.88 -11.08
N ARG B 295 -22.63 1.01 -9.80
CA ARG B 295 -23.62 0.72 -8.75
C ARG B 295 -24.61 1.82 -8.51
N HIS B 296 -24.47 2.96 -9.20
CA HIS B 296 -25.33 4.14 -8.99
C HIS B 296 -26.01 4.69 -10.25
N THR B 297 -25.82 4.04 -11.40
CA THR B 297 -26.51 4.44 -12.62
C THR B 297 -27.94 3.97 -12.54
N PRO B 298 -28.80 4.47 -13.45
CA PRO B 298 -30.14 3.89 -13.50
C PRO B 298 -30.10 2.37 -13.65
N GLU B 299 -29.17 1.87 -14.47
CA GLU B 299 -29.11 0.42 -14.68
C GLU B 299 -28.75 -0.31 -13.37
N GLY B 300 -27.76 0.22 -12.65
CA GLY B 300 -27.27 -0.37 -11.43
C GLY B 300 -28.37 -0.39 -10.39
N HIS B 301 -29.08 0.71 -10.22
CA HIS B 301 -30.20 0.74 -9.29
C HIS B 301 -31.31 -0.24 -9.67
N ALA B 302 -31.56 -0.44 -10.97
CA ALA B 302 -32.65 -1.35 -11.35
C ALA B 302 -32.27 -2.80 -11.02
N PHE B 303 -31.00 -3.14 -11.17
CA PHE B 303 -30.53 -4.49 -10.77
C PHE B 303 -30.71 -4.72 -9.28
N VAL B 304 -30.34 -3.72 -8.49
CA VAL B 304 -30.47 -3.82 -7.03
C VAL B 304 -31.93 -3.91 -6.62
N ALA B 305 -32.79 -3.15 -7.30
CA ALA B 305 -34.25 -3.20 -7.05
C ALA B 305 -34.81 -4.61 -7.32
N THR B 306 -34.37 -5.23 -8.41
CA THR B 306 -34.75 -6.63 -8.66
C THR B 306 -34.23 -7.58 -7.54
N ALA B 307 -32.96 -7.43 -7.15
CA ALA B 307 -32.38 -8.28 -6.08
C ALA B 307 -33.13 -8.10 -4.75
N ARG B 308 -33.48 -6.86 -4.43
CA ARG B 308 -34.26 -6.55 -3.24
C ARG B 308 -35.60 -7.25 -3.24
N GLU B 309 -36.33 -7.19 -4.36
CA GLU B 309 -37.65 -7.74 -4.43
C GLU B 309 -37.67 -9.27 -4.44
N HIS B 310 -36.75 -9.85 -5.24
CA HIS B 310 -36.84 -11.26 -5.63
C HIS B 310 -35.63 -12.07 -5.20
N GLY B 311 -34.62 -11.43 -4.60
CA GLY B 311 -33.36 -12.07 -4.29
C GLY B 311 -32.32 -11.92 -5.39
N PHE B 312 -31.07 -12.00 -4.98
CA PHE B 312 -29.93 -11.82 -5.88
C PHE B 312 -29.87 -12.91 -6.94
N ARG B 313 -30.28 -14.13 -6.61
CA ARG B 313 -30.27 -15.23 -7.57
C ARG B 313 -31.10 -14.90 -8.80
N GLU B 314 -32.29 -14.35 -8.57
CA GLU B 314 -33.19 -13.99 -9.68
C GLU B 314 -32.64 -12.84 -10.48
N ALA B 315 -32.05 -11.86 -9.81
CA ALA B 315 -31.44 -10.73 -10.51
C ALA B 315 -30.33 -11.24 -11.44
N VAL B 316 -29.51 -12.17 -10.94
CA VAL B 316 -28.42 -12.71 -11.72
C VAL B 316 -28.96 -13.52 -12.89
N ARG B 317 -30.05 -14.26 -12.65
CA ARG B 317 -30.65 -15.02 -13.73
C ARG B 317 -31.10 -14.11 -14.88
N ARG B 318 -31.76 -13.00 -14.55
CA ARG B 318 -32.23 -12.10 -15.58
C ARG B 318 -31.07 -11.46 -16.31
N ARG B 319 -29.92 -11.26 -15.63
CA ARG B 319 -28.74 -10.70 -16.26
C ARG B 319 -28.12 -11.67 -17.30
N ASP B 320 -27.97 -12.92 -16.89
CA ASP B 320 -27.19 -13.88 -17.68
C ASP B 320 -27.98 -14.81 -18.59
N GLU B 321 -29.20 -15.17 -18.22
CA GLU B 321 -29.95 -16.12 -19.05
C GLU B 321 -30.14 -15.63 -20.49
N PRO B 322 -30.39 -14.33 -20.71
CA PRO B 322 -30.44 -13.85 -22.10
C PRO B 322 -29.15 -14.02 -22.90
N MET B 323 -28.02 -14.11 -22.21
CA MET B 323 -26.70 -14.23 -22.83
CA MET B 323 -26.71 -14.24 -22.82
C MET B 323 -26.25 -15.69 -22.96
N GLY B 324 -27.10 -16.60 -22.50
CA GLY B 324 -26.85 -18.03 -22.66
C GLY B 324 -25.84 -18.68 -21.74
N ASP B 325 -25.37 -17.97 -20.72
CA ASP B 325 -24.29 -18.42 -19.89
C ASP B 325 -24.62 -18.31 -18.39
N HIS B 326 -25.90 -18.46 -18.04
CA HIS B 326 -26.28 -18.40 -16.64
C HIS B 326 -25.71 -19.65 -15.93
N GLY B 327 -25.24 -19.48 -14.71
CA GLY B 327 -24.85 -20.62 -13.87
C GLY B 327 -23.43 -21.05 -14.16
N ARG B 328 -23.23 -22.35 -14.31
CA ARG B 328 -21.94 -22.92 -14.67
C ARG B 328 -21.78 -22.89 -16.21
N ARG B 329 -22.78 -22.46 -16.98
CA ARG B 329 -22.67 -22.46 -18.46
C ARG B 329 -21.51 -21.63 -18.97
N ALA B 330 -20.94 -22.12 -20.09
CA ALA B 330 -19.82 -21.46 -20.76
C ALA B 330 -20.36 -20.32 -21.60
N SER B 331 -19.50 -19.35 -21.93
CA SER B 331 -19.94 -18.26 -22.81
C SER B 331 -19.52 -18.44 -24.27
N ASP B 332 -18.78 -19.52 -24.58
CA ASP B 332 -18.35 -19.83 -25.95
C ASP B 332 -17.58 -18.69 -26.59
N VAL B 333 -16.54 -18.24 -25.88
CA VAL B 333 -15.67 -17.16 -26.38
C VAL B 333 -14.74 -17.71 -27.44
#